data_1WD3
#
_entry.id   1WD3
#
_cell.length_a   39.455
_cell.length_b   96.894
_cell.length_c   145.853
_cell.angle_alpha   90.00
_cell.angle_beta   90.00
_cell.angle_gamma   90.00
#
_symmetry.space_group_name_H-M   'P 21 21 21'
#
loop_
_entity.id
_entity.type
_entity.pdbx_description
1 polymer 'alpha-L-arabinofuranosidase B'
2 branched 2-acetamido-2-deoxy-beta-D-glucopyranose-(1-4)-2-acetamido-2-deoxy-beta-D-glucopyranose
3 water water
#
_entity_poly.entity_id   1
_entity_poly.type   'polypeptide(L)'
_entity_poly.pdbx_seq_one_letter_code
;MGPCDIYEAGDTPCVAAHSTTRALYSSFSGALYQLQRGSDDTTTTISPLTAGGIADASAQDTFCANTTCLITIIYDQSGN
GNHLTQAPPGGFDGPDTDGYDNLASAIGAPVTLNGQKAYGVFMSPGTGYRNNEATGTATGDEAEGMYAVLDGTHYNDACC
FDYGNAETSSTDTGAGHMEAIYLGNSTTWGYGAGDGPWIMVDMENNLFSGADEGYNSGDPSISYRFVTAAVKGGADKWAI
RGANAASGSLSTYYSGARPDYSGYNPMSKEGAIILGIGGDNSNGAQGTFYEGVMTSGYPSDDTENSVQENIVAAKYVVGS
LVSGPSFTSGEVVSLRVTTPGYTTRYIAHTDTTVNTQVVDDDSSTTLKEEASWTVVTGLANSQCFSFESVDTPGSYIRHY
NFELLLNANDGTKQFHEDATFCPQAALNGEGTSLRSWSYPTRYFRHYENVLYAASNGGVQTFDSKTSFNNDVSFEIETAF
AS
;
_entity_poly.pdbx_strand_id   A
#
loop_
_chem_comp.id
_chem_comp.type
_chem_comp.name
_chem_comp.formula
NAG D-saccharide, beta linking 2-acetamido-2-deoxy-beta-D-glucopyranose 'C8 H15 N O6'
#
# COMPACT_ATOMS: atom_id res chain seq x y z
N MET A 1 28.18 -2.79 1.16
CA MET A 1 27.56 -1.77 0.27
C MET A 1 26.04 -1.93 0.20
N GLY A 2 25.35 -0.82 -0.03
CA GLY A 2 23.91 -0.86 -0.16
C GLY A 2 23.55 -0.69 -1.62
N PRO A 3 22.27 -0.78 -1.99
CA PRO A 3 21.88 -0.62 -3.39
C PRO A 3 22.47 0.60 -4.09
N CYS A 4 22.41 1.76 -3.45
CA CYS A 4 22.93 2.96 -4.09
C CYS A 4 24.45 2.99 -4.16
N ASP A 5 25.13 2.28 -3.26
CA ASP A 5 26.59 2.23 -3.32
C ASP A 5 26.93 1.39 -4.55
N ILE A 6 26.11 0.39 -4.82
CA ILE A 6 26.30 -0.50 -5.97
C ILE A 6 26.06 0.26 -7.27
N TYR A 7 24.99 1.05 -7.33
CA TYR A 7 24.70 1.83 -8.54
C TYR A 7 25.82 2.84 -8.78
N GLU A 8 26.31 3.46 -7.70
CA GLU A 8 27.39 4.44 -7.82
C GLU A 8 28.62 3.76 -8.41
N ALA A 9 28.93 2.56 -7.92
CA ALA A 9 30.08 1.81 -8.41
C ALA A 9 29.88 1.36 -9.85
N GLY A 10 28.61 1.31 -10.27
CA GLY A 10 28.28 0.90 -11.62
C GLY A 10 28.18 2.08 -12.57
N ASP A 11 28.57 3.26 -12.07
CA ASP A 11 28.57 4.50 -12.85
C ASP A 11 27.20 5.05 -13.23
N THR A 12 26.19 4.75 -12.43
CA THR A 12 24.84 5.27 -12.64
C THR A 12 24.30 5.53 -11.24
N PRO A 13 24.84 6.57 -10.57
CA PRO A 13 24.48 6.96 -9.21
C PRO A 13 23.00 7.23 -8.99
N CYS A 14 22.56 6.99 -7.76
CA CYS A 14 21.18 7.24 -7.38
C CYS A 14 21.00 8.75 -7.29
N VAL A 15 19.85 9.24 -7.77
CA VAL A 15 19.54 10.66 -7.68
C VAL A 15 18.33 10.82 -6.76
N ALA A 16 17.77 9.68 -6.36
CA ALA A 16 16.62 9.62 -5.45
C ALA A 16 16.62 8.22 -4.84
N ALA A 17 16.52 8.13 -3.52
CA ALA A 17 16.53 6.84 -2.84
C ALA A 17 15.49 6.88 -1.73
N HIS A 18 14.46 6.05 -1.86
CA HIS A 18 13.37 6.03 -0.88
C HIS A 18 13.10 4.67 -0.26
N SER A 19 12.98 4.64 1.07
CA SER A 19 12.68 3.40 1.75
C SER A 19 12.29 3.63 3.20
N THR A 20 11.23 2.96 3.64
CA THR A 20 10.76 3.07 5.00
C THR A 20 11.28 1.88 5.81
N THR A 21 11.91 0.93 5.12
CA THR A 21 12.42 -0.27 5.79
C THR A 21 13.91 -0.25 6.10
N ARG A 22 14.72 0.35 5.22
CA ARG A 22 16.15 0.37 5.47
C ARG A 22 16.94 1.43 4.74
N ALA A 23 18.18 1.63 5.18
CA ALA A 23 19.08 2.58 4.55
C ALA A 23 19.51 1.93 3.25
N LEU A 24 19.62 2.72 2.19
CA LEU A 24 20.02 2.19 0.89
C LEU A 24 21.48 2.52 0.58
N TYR A 25 22.13 3.19 1.53
CA TYR A 25 23.54 3.56 1.46
C TYR A 25 24.15 2.99 2.74
N SER A 26 25.32 2.38 2.63
CA SER A 26 25.97 1.81 3.81
C SER A 26 26.25 2.86 4.87
N SER A 27 26.40 4.12 4.44
CA SER A 27 26.71 5.21 5.37
C SER A 27 25.52 6.07 5.80
N PHE A 28 24.33 5.78 5.29
CA PHE A 28 23.16 6.57 5.64
C PHE A 28 22.64 6.28 7.05
N SER A 29 22.51 7.33 7.85
CA SER A 29 22.00 7.19 9.22
C SER A 29 20.92 8.22 9.51
N GLY A 30 20.55 8.99 8.49
CA GLY A 30 19.53 10.01 8.66
C GLY A 30 18.12 9.44 8.73
N ALA A 31 17.13 10.32 8.75
CA ALA A 31 15.74 9.90 8.82
C ALA A 31 15.28 9.23 7.54
N LEU A 32 14.60 8.08 7.70
CA LEU A 32 14.08 7.33 6.58
C LEU A 32 12.71 7.87 6.18
N TYR A 33 11.91 8.22 7.19
CA TYR A 33 10.57 8.75 6.95
C TYR A 33 10.03 9.49 8.16
N GLN A 34 8.92 10.18 7.96
CA GLN A 34 8.26 10.94 9.02
C GLN A 34 6.88 10.38 9.29
N LEU A 35 6.49 10.40 10.57
CA LEU A 35 5.19 9.90 11.01
C LEU A 35 4.36 11.04 11.59
N GLN A 36 3.05 10.90 11.52
CA GLN A 36 2.13 11.87 12.10
C GLN A 36 1.03 11.04 12.73
N ARG A 37 0.81 11.22 14.03
CA ARG A 37 -0.22 10.45 14.72
C ARG A 37 -1.52 11.25 14.86
N GLY A 38 -2.64 10.53 14.89
CA GLY A 38 -3.94 11.17 14.95
C GLY A 38 -4.37 11.70 16.31
N SER A 39 -3.71 11.25 17.38
CA SER A 39 -4.07 11.71 18.71
C SER A 39 -3.90 13.23 18.86
N ASP A 40 -2.75 13.74 18.44
CA ASP A 40 -2.48 15.17 18.55
C ASP A 40 -1.91 15.80 17.27
N ASP A 41 -1.87 15.01 16.20
CA ASP A 41 -1.34 15.49 14.92
C ASP A 41 0.13 15.88 14.96
N THR A 42 0.86 15.43 15.98
CA THR A 42 2.28 15.74 16.08
C THR A 42 3.06 14.74 15.24
N THR A 43 4.31 15.08 14.91
CA THR A 43 5.13 14.20 14.09
C THR A 43 6.45 13.82 14.74
N THR A 44 7.14 12.89 14.09
CA THR A 44 8.44 12.41 14.53
C THR A 44 9.04 11.67 13.36
N THR A 45 10.35 11.43 13.41
CA THR A 45 11.01 10.71 12.32
C THR A 45 11.55 9.37 12.76
N ILE A 46 11.70 8.46 11.79
CA ILE A 46 12.23 7.13 12.06
C ILE A 46 13.52 6.98 11.27
N SER A 47 14.59 6.66 11.96
CA SER A 47 15.91 6.50 11.34
C SER A 47 16.39 5.06 11.46
N PRO A 48 17.46 4.71 10.72
CA PRO A 48 17.99 3.35 10.79
C PRO A 48 18.54 3.13 12.20
N LEU A 49 18.57 1.88 12.66
CA LEU A 49 19.09 1.56 13.99
C LEU A 49 20.58 1.87 14.02
N THR A 50 21.24 1.67 12.88
CA THR A 50 22.66 1.94 12.74
C THR A 50 22.89 2.40 11.30
N ALA A 51 24.05 2.97 11.03
CA ALA A 51 24.36 3.44 9.67
C ALA A 51 24.20 2.30 8.67
N GLY A 52 23.39 2.54 7.65
CA GLY A 52 23.16 1.53 6.63
C GLY A 52 22.34 0.36 7.14
N GLY A 53 21.71 0.53 8.30
CA GLY A 53 20.92 -0.53 8.89
C GLY A 53 19.43 -0.46 8.64
N ILE A 54 18.67 -1.22 9.43
CA ILE A 54 17.22 -1.30 9.33
C ILE A 54 16.52 -0.22 10.17
N ALA A 55 15.35 0.20 9.71
CA ALA A 55 14.58 1.22 10.42
C ALA A 55 14.28 0.82 11.85
N ASP A 56 14.19 1.82 12.73
CA ASP A 56 13.91 1.59 14.14
C ASP A 56 12.39 1.51 14.33
N ALA A 57 11.84 0.34 14.03
CA ALA A 57 10.41 0.10 14.14
C ALA A 57 9.88 0.32 15.56
N SER A 58 10.70 -0.01 16.55
CA SER A 58 10.29 0.13 17.94
C SER A 58 9.95 1.59 18.24
N ALA A 59 10.69 2.52 17.63
CA ALA A 59 10.45 3.94 17.84
C ALA A 59 9.08 4.31 17.29
N GLN A 60 8.68 3.68 16.19
CA GLN A 60 7.37 3.96 15.61
C GLN A 60 6.28 3.44 16.52
N ASP A 61 6.43 2.18 16.96
CA ASP A 61 5.44 1.57 17.83
C ASP A 61 5.21 2.40 19.09
N THR A 62 6.29 2.96 19.64
CA THR A 62 6.18 3.79 20.83
C THR A 62 5.38 5.06 20.54
N PHE A 63 5.74 5.74 19.45
CA PHE A 63 5.06 6.97 19.06
C PHE A 63 3.60 6.76 18.71
N CYS A 64 3.30 5.62 18.09
CA CYS A 64 1.95 5.31 17.63
C CYS A 64 1.09 4.50 18.60
N ALA A 65 1.55 4.33 19.83
CA ALA A 65 0.79 3.58 20.82
C ALA A 65 -0.58 4.21 21.10
N ASN A 66 -1.60 3.37 21.20
CA ASN A 66 -2.96 3.82 21.48
C ASN A 66 -3.50 4.92 20.56
N THR A 67 -3.12 4.87 19.30
CA THR A 67 -3.60 5.85 18.33
C THR A 67 -3.31 5.35 16.93
N THR A 68 -3.51 6.20 15.93
CA THR A 68 -3.26 5.82 14.54
C THR A 68 -2.13 6.66 13.96
N CYS A 69 -1.40 6.08 13.01
CA CYS A 69 -0.30 6.80 12.40
C CYS A 69 -0.30 6.81 10.89
N LEU A 70 0.21 7.89 10.33
CA LEU A 70 0.30 8.05 8.88
C LEU A 70 1.74 8.38 8.51
N ILE A 71 2.16 7.93 7.34
CA ILE A 71 3.50 8.23 6.87
C ILE A 71 3.36 9.50 6.04
N THR A 72 3.86 10.60 6.60
CA THR A 72 3.78 11.91 5.93
C THR A 72 4.86 12.15 4.90
N ILE A 73 6.06 11.66 5.18
CA ILE A 73 7.17 11.86 4.27
C ILE A 73 8.09 10.65 4.15
N ILE A 74 8.48 10.34 2.92
CA ILE A 74 9.43 9.26 2.68
C ILE A 74 10.63 10.07 2.20
N TYR A 75 11.65 10.16 3.04
CA TYR A 75 12.82 10.96 2.71
C TYR A 75 13.72 10.40 1.63
N ASP A 76 14.33 11.31 0.89
CA ASP A 76 15.27 10.95 -0.16
C ASP A 76 16.63 10.82 0.53
N GLN A 77 17.20 9.62 0.49
CA GLN A 77 18.48 9.35 1.14
C GLN A 77 19.71 9.83 0.38
N SER A 78 19.54 10.15 -0.91
CA SER A 78 20.68 10.58 -1.74
C SER A 78 21.26 11.94 -1.39
N GLY A 79 20.48 12.79 -0.76
CA GLY A 79 20.97 14.11 -0.42
C GLY A 79 20.50 15.18 -1.40
N ASN A 80 19.75 14.75 -2.41
CA ASN A 80 19.22 15.66 -3.42
C ASN A 80 17.95 16.35 -2.96
N GLY A 81 17.43 15.92 -1.81
CA GLY A 81 16.22 16.52 -1.27
C GLY A 81 14.94 16.14 -1.98
N ASN A 82 14.96 15.05 -2.74
CA ASN A 82 13.78 14.60 -3.47
C ASN A 82 12.81 13.80 -2.61
N HIS A 83 12.47 14.33 -1.45
CA HIS A 83 11.55 13.65 -0.53
C HIS A 83 10.16 13.51 -1.13
N LEU A 84 9.48 12.42 -0.78
CA LEU A 84 8.13 12.18 -1.27
C LEU A 84 7.12 12.61 -0.21
N THR A 85 6.22 13.51 -0.59
CA THR A 85 5.19 14.00 0.32
C THR A 85 3.81 13.75 -0.26
N GLN A 86 2.77 14.06 0.52
CA GLN A 86 1.40 13.87 0.09
C GLN A 86 1.18 14.39 -1.33
N ALA A 87 0.76 13.51 -2.23
CA ALA A 87 0.55 13.88 -3.64
C ALA A 87 -0.62 14.85 -3.81
N PRO A 88 -0.42 15.88 -4.64
CA PRO A 88 -1.45 16.90 -4.90
C PRO A 88 -2.40 16.52 -6.02
N PRO A 89 -3.53 17.23 -6.11
CA PRO A 89 -4.48 16.93 -7.18
C PRO A 89 -3.83 17.34 -8.50
N GLY A 90 -4.35 16.83 -9.61
CA GLY A 90 -3.80 17.18 -10.91
C GLY A 90 -4.87 16.94 -11.94
N GLY A 91 -4.56 16.13 -12.96
CA GLY A 91 -5.56 15.83 -13.97
C GLY A 91 -6.77 15.24 -13.27
N PHE A 92 -6.51 14.50 -12.19
CA PHE A 92 -7.56 13.88 -11.39
C PHE A 92 -7.40 14.32 -9.94
N ASP A 93 -8.51 14.48 -9.24
CA ASP A 93 -8.46 14.86 -7.83
C ASP A 93 -8.33 13.61 -6.98
N GLY A 94 -7.66 13.75 -5.85
CA GLY A 94 -7.53 12.65 -4.93
C GLY A 94 -8.74 12.76 -4.03
N PRO A 95 -8.98 11.79 -3.14
CA PRO A 95 -10.14 11.80 -2.23
C PRO A 95 -9.94 12.60 -0.94
N ASP A 96 -8.74 13.13 -0.73
CA ASP A 96 -8.46 13.87 0.49
C ASP A 96 -8.81 15.35 0.38
N THR A 97 -8.51 16.10 1.44
CA THR A 97 -8.81 17.53 1.48
C THR A 97 -8.23 18.28 0.28
N ASP A 98 -9.08 19.08 -0.35
CA ASP A 98 -8.70 19.89 -1.49
C ASP A 98 -8.12 19.10 -2.67
N GLY A 99 -8.54 17.86 -2.81
CA GLY A 99 -8.07 17.04 -3.92
C GLY A 99 -6.75 16.31 -3.73
N TYR A 100 -6.15 16.42 -2.56
CA TYR A 100 -4.90 15.71 -2.32
C TYR A 100 -5.19 14.22 -2.23
N ASP A 101 -4.15 13.40 -2.37
CA ASP A 101 -4.32 11.96 -2.25
C ASP A 101 -4.13 11.64 -0.77
N ASN A 102 -4.56 10.45 -0.34
CA ASN A 102 -4.40 10.06 1.05
C ASN A 102 -2.97 9.69 1.38
N LEU A 103 -2.60 9.85 2.65
CA LEU A 103 -1.30 9.44 3.11
C LEU A 103 -1.52 7.97 3.45
N ALA A 104 -0.46 7.18 3.45
CA ALA A 104 -0.57 5.76 3.76
C ALA A 104 -0.47 5.49 5.26
N SER A 105 -1.09 4.41 5.70
CA SER A 105 -1.03 4.00 7.09
C SER A 105 0.43 3.66 7.35
N ALA A 106 0.85 3.70 8.61
CA ALA A 106 2.23 3.37 8.94
C ALA A 106 2.35 1.90 9.31
N ILE A 107 1.22 1.22 9.46
CA ILE A 107 1.24 -0.19 9.85
C ILE A 107 0.58 -1.21 8.92
N GLY A 108 0.33 -0.84 7.67
CA GLY A 108 -0.30 -1.77 6.76
C GLY A 108 0.62 -2.80 6.12
N ALA A 109 1.92 -2.59 6.22
CA ALA A 109 2.87 -3.52 5.62
C ALA A 109 4.03 -3.91 6.52
N PRO A 110 3.74 -4.60 7.63
CA PRO A 110 4.81 -5.02 8.53
C PRO A 110 5.64 -6.12 7.90
N VAL A 111 6.95 -6.09 8.13
CA VAL A 111 7.87 -7.08 7.59
C VAL A 111 9.07 -7.16 8.53
N THR A 112 9.99 -8.07 8.22
CA THR A 112 11.23 -8.19 8.95
C THR A 112 12.29 -8.33 7.87
N LEU A 113 13.41 -7.65 8.06
CA LEU A 113 14.52 -7.75 7.13
C LEU A 113 15.63 -8.44 7.91
N ASN A 114 15.92 -9.67 7.53
CA ASN A 114 16.94 -10.47 8.19
C ASN A 114 16.63 -10.55 9.69
N GLY A 115 15.35 -10.69 10.01
CA GLY A 115 14.93 -10.80 11.40
C GLY A 115 14.58 -9.52 12.12
N GLN A 116 14.91 -8.37 11.54
CA GLN A 116 14.61 -7.09 12.16
C GLN A 116 13.30 -6.51 11.64
N LYS A 117 12.42 -6.13 12.56
CA LYS A 117 11.11 -5.57 12.23
C LYS A 117 11.20 -4.24 11.49
N ALA A 118 10.32 -4.06 10.51
CA ALA A 118 10.29 -2.84 9.73
C ALA A 118 8.89 -2.66 9.15
N TYR A 119 8.61 -1.47 8.63
CA TYR A 119 7.31 -1.16 8.06
C TYR A 119 7.40 -0.64 6.63
N GLY A 120 6.61 -1.23 5.73
CA GLY A 120 6.59 -0.78 4.36
C GLY A 120 5.44 0.19 4.15
N VAL A 121 5.25 0.66 2.92
CA VAL A 121 4.17 1.61 2.63
C VAL A 121 3.03 0.91 1.89
N PHE A 122 1.98 0.56 2.63
CA PHE A 122 0.81 -0.13 2.09
C PHE A 122 -0.14 0.94 1.55
N MET A 123 -0.30 0.97 0.24
CA MET A 123 -1.13 1.99 -0.39
C MET A 123 -2.47 1.50 -0.93
N SER A 124 -3.54 2.04 -0.37
CA SER A 124 -4.90 1.71 -0.78
C SER A 124 -5.32 2.68 -1.89
N PRO A 125 -6.38 2.35 -2.65
CA PRO A 125 -6.81 3.25 -3.72
C PRO A 125 -7.08 4.65 -3.16
N GLY A 126 -6.45 5.66 -3.76
CA GLY A 126 -6.62 7.02 -3.32
C GLY A 126 -5.37 7.56 -2.65
N THR A 127 -4.45 6.66 -2.30
CA THR A 127 -3.20 7.03 -1.64
C THR A 127 -2.12 7.38 -2.67
N GLY A 128 -1.29 8.37 -2.36
CA GLY A 128 -0.24 8.75 -3.28
C GLY A 128 0.77 9.73 -2.74
N TYR A 129 2.01 9.62 -3.21
CA TYR A 129 3.10 10.51 -2.82
C TYR A 129 3.74 11.08 -4.06
N ARG A 130 4.38 12.24 -3.94
CA ARG A 130 4.97 12.86 -5.11
C ARG A 130 5.96 13.96 -4.73
N ASN A 131 6.78 14.34 -5.71
CA ASN A 131 7.73 15.44 -5.57
C ASN A 131 7.83 16.02 -6.97
N ASN A 132 7.24 17.20 -7.15
CA ASN A 132 7.24 17.85 -8.46
C ASN A 132 8.34 18.87 -8.69
N GLU A 133 9.36 18.85 -7.84
CA GLU A 133 10.49 19.75 -7.97
C GLU A 133 11.75 18.98 -7.58
N ALA A 134 11.90 17.81 -8.20
CA ALA A 134 13.04 16.93 -7.96
C ALA A 134 14.31 17.41 -8.64
N THR A 135 15.45 17.12 -8.02
CA THR A 135 16.74 17.52 -8.56
C THR A 135 17.55 16.30 -8.97
N GLY A 136 18.21 16.38 -10.12
CA GLY A 136 19.05 15.29 -10.59
C GLY A 136 18.37 14.25 -11.44
N THR A 137 17.04 14.22 -11.41
CA THR A 137 16.28 13.25 -12.19
C THR A 137 16.39 13.55 -13.68
N ALA A 138 16.36 12.49 -14.49
CA ALA A 138 16.47 12.63 -15.93
C ALA A 138 15.29 13.39 -16.53
N THR A 139 15.58 14.23 -17.53
CA THR A 139 14.54 14.97 -18.22
C THR A 139 14.81 14.77 -19.71
N GLY A 140 13.82 15.09 -20.54
CA GLY A 140 13.98 14.92 -21.97
C GLY A 140 14.24 13.46 -22.30
N ASP A 141 15.30 13.19 -23.06
CA ASP A 141 15.61 11.83 -23.45
C ASP A 141 16.77 11.27 -22.64
N GLU A 142 17.11 11.95 -21.54
CA GLU A 142 18.22 11.50 -20.70
C GLU A 142 17.91 10.12 -20.13
N ALA A 143 18.96 9.32 -19.98
CA ALA A 143 18.84 7.95 -19.48
C ALA A 143 18.72 7.86 -17.97
N GLU A 144 18.01 6.84 -17.53
CA GLU A 144 17.81 6.60 -16.10
C GLU A 144 17.47 5.15 -15.85
N GLY A 145 17.72 4.71 -14.62
CA GLY A 145 17.38 3.37 -14.21
C GLY A 145 16.59 3.54 -12.94
N MET A 146 15.85 2.52 -12.52
CA MET A 146 15.08 2.58 -11.29
C MET A 146 14.67 1.17 -10.90
N TYR A 147 14.33 0.99 -9.64
CA TYR A 147 13.86 -0.31 -9.18
C TYR A 147 13.03 -0.05 -7.95
N ALA A 148 12.21 -1.04 -7.59
CA ALA A 148 11.38 -0.95 -6.41
C ALA A 148 11.12 -2.35 -5.93
N VAL A 149 11.03 -2.52 -4.62
CA VAL A 149 10.70 -3.82 -4.05
C VAL A 149 9.25 -3.63 -3.66
N LEU A 150 8.36 -4.41 -4.28
CA LEU A 150 6.93 -4.29 -4.06
C LEU A 150 6.30 -5.61 -3.61
N ASP A 151 5.00 -5.58 -3.35
CA ASP A 151 4.26 -6.77 -2.94
C ASP A 151 3.47 -7.23 -4.16
N GLY A 152 3.93 -8.33 -4.78
CA GLY A 152 3.27 -8.85 -5.95
C GLY A 152 1.88 -9.44 -5.74
N THR A 153 1.40 -9.45 -4.50
CA THR A 153 0.08 -9.97 -4.23
C THR A 153 -0.89 -8.85 -3.87
N HIS A 154 -0.36 -7.63 -3.77
CA HIS A 154 -1.17 -6.46 -3.44
C HIS A 154 -1.21 -5.56 -4.67
N TYR A 155 -2.33 -5.60 -5.40
CA TYR A 155 -2.43 -4.80 -6.61
C TYR A 155 -3.87 -4.83 -7.12
N ASN A 156 -4.16 -4.05 -8.14
CA ASN A 156 -5.47 -4.09 -8.78
C ASN A 156 -5.33 -3.70 -10.24
N ASP A 157 -6.44 -3.46 -10.92
CA ASP A 157 -6.40 -3.14 -12.34
C ASP A 157 -6.75 -1.69 -12.68
N ALA A 158 -6.73 -0.82 -11.67
CA ALA A 158 -7.04 0.58 -11.88
C ALA A 158 -5.75 1.38 -12.06
N CYS A 159 -5.81 2.45 -12.84
CA CYS A 159 -4.61 3.27 -13.06
C CYS A 159 -4.34 4.15 -11.84
N CYS A 160 -3.12 4.16 -11.32
CA CYS A 160 -1.97 3.37 -11.80
C CYS A 160 -1.01 3.27 -10.63
N PHE A 161 -0.52 2.08 -10.31
CA PHE A 161 0.43 1.96 -9.21
C PHE A 161 1.83 2.08 -9.81
N ASP A 162 2.32 3.32 -9.83
CA ASP A 162 3.62 3.66 -10.40
C ASP A 162 4.67 4.12 -9.39
N TYR A 163 5.92 4.03 -9.82
CA TYR A 163 7.07 4.55 -9.07
C TYR A 163 8.06 4.97 -10.14
N GLY A 164 8.32 6.28 -10.22
CA GLY A 164 9.24 6.74 -11.23
C GLY A 164 9.05 8.17 -11.71
N ASN A 165 9.57 8.42 -12.91
CA ASN A 165 9.55 9.73 -13.56
C ASN A 165 8.20 10.14 -14.13
N ALA A 166 7.75 11.36 -13.83
CA ALA A 166 6.47 11.85 -14.32
C ALA A 166 6.45 13.35 -14.56
N GLU A 167 5.27 13.88 -14.87
CA GLU A 167 5.10 15.32 -15.14
C GLU A 167 5.15 16.19 -13.90
N THR A 168 5.77 17.36 -14.03
CA THR A 168 5.90 18.28 -12.92
C THR A 168 4.62 19.10 -12.70
N SER A 169 3.64 18.91 -13.57
CA SER A 169 2.37 19.64 -13.46
C SER A 169 1.25 18.72 -12.97
N SER A 170 1.57 17.46 -12.76
CA SER A 170 0.59 16.48 -12.29
C SER A 170 -0.54 16.29 -13.30
N THR A 171 -0.25 16.56 -14.58
CA THR A 171 -1.24 16.39 -15.63
C THR A 171 -0.64 15.59 -16.78
N ASP A 172 -1.52 15.03 -17.61
CA ASP A 172 -1.10 14.23 -18.75
C ASP A 172 -0.66 15.16 -19.88
N THR A 173 0.64 15.32 -20.04
CA THR A 173 1.17 16.20 -21.08
C THR A 173 1.57 15.49 -22.36
N GLY A 174 1.13 14.25 -22.53
CA GLY A 174 1.44 13.51 -23.75
C GLY A 174 2.42 12.36 -23.66
N ALA A 175 2.36 11.49 -24.67
CA ALA A 175 3.25 10.34 -24.75
C ALA A 175 4.69 10.79 -24.59
N GLY A 176 5.48 10.01 -23.87
CA GLY A 176 6.88 10.34 -23.66
C GLY A 176 7.14 11.23 -22.45
N HIS A 177 6.08 11.71 -21.82
CA HIS A 177 6.23 12.59 -20.67
C HIS A 177 6.23 11.88 -19.31
N MET A 178 6.46 10.57 -19.34
CA MET A 178 6.55 9.73 -18.15
C MET A 178 7.50 8.57 -18.43
N GLU A 179 8.04 7.98 -17.37
CA GLU A 179 8.87 6.79 -17.46
C GLU A 179 8.94 6.26 -16.05
N ALA A 180 7.99 5.37 -15.74
CA ALA A 180 7.90 4.81 -14.40
C ALA A 180 7.52 3.35 -14.37
N ILE A 181 7.89 2.70 -13.27
CA ILE A 181 7.56 1.31 -13.04
C ILE A 181 6.06 1.25 -12.74
N TYR A 182 5.39 0.23 -13.26
CA TYR A 182 3.97 0.00 -12.98
C TYR A 182 3.84 -1.46 -12.58
N LEU A 183 3.02 -1.74 -11.57
CA LEU A 183 2.76 -3.11 -11.16
C LEU A 183 1.28 -3.27 -10.86
N GLY A 184 0.61 -4.15 -11.61
CA GLY A 184 -0.81 -4.39 -11.43
C GLY A 184 -1.32 -5.17 -12.63
N ASN A 185 -2.64 -5.38 -12.71
CA ASN A 185 -3.15 -6.11 -13.86
C ASN A 185 -4.11 -5.31 -14.73
N SER A 186 -3.79 -4.03 -14.89
CA SER A 186 -4.59 -3.18 -15.76
C SER A 186 -4.37 -3.72 -17.17
N THR A 187 -5.42 -3.73 -17.99
CA THR A 187 -5.28 -4.20 -19.36
C THR A 187 -5.81 -3.12 -20.32
N THR A 188 -6.07 -1.94 -19.77
CA THR A 188 -6.57 -0.81 -20.54
C THR A 188 -5.60 -0.44 -21.65
N TRP A 189 -4.32 -0.64 -21.39
CA TRP A 189 -3.28 -0.35 -22.37
C TRP A 189 -2.52 -1.64 -22.62
N GLY A 190 -1.30 -1.73 -22.12
CA GLY A 190 -0.53 -2.93 -22.31
C GLY A 190 -0.81 -3.93 -21.22
N TYR A 191 -0.40 -5.17 -21.47
CA TYR A 191 -0.56 -6.23 -20.49
C TYR A 191 0.26 -7.43 -20.96
N GLY A 192 0.60 -8.30 -20.02
CA GLY A 192 1.41 -9.45 -20.35
C GLY A 192 0.63 -10.74 -20.43
N ALA A 193 1.32 -11.85 -20.23
CA ALA A 193 0.72 -13.17 -20.29
C ALA A 193 0.12 -13.56 -18.95
N GLY A 194 -0.86 -14.44 -18.96
CA GLY A 194 -1.47 -14.90 -17.73
C GLY A 194 -2.46 -13.92 -17.12
N ASP A 195 -2.75 -14.13 -15.84
CA ASP A 195 -3.70 -13.30 -15.11
C ASP A 195 -3.08 -12.06 -14.48
N GLY A 196 -1.75 -11.97 -14.51
CA GLY A 196 -1.08 -10.83 -13.92
C GLY A 196 -0.78 -11.04 -12.45
N PRO A 197 -0.28 -10.01 -11.73
CA PRO A 197 0.03 -8.67 -12.25
C PRO A 197 1.27 -8.68 -13.13
N TRP A 198 1.53 -7.55 -13.80
CA TRP A 198 2.69 -7.42 -14.67
C TRP A 198 3.49 -6.18 -14.35
N ILE A 199 4.80 -6.27 -14.52
CA ILE A 199 5.66 -5.11 -14.33
C ILE A 199 5.64 -4.50 -15.72
N MET A 200 5.21 -3.25 -15.84
CA MET A 200 5.21 -2.60 -17.14
C MET A 200 5.84 -1.23 -16.97
N VAL A 201 6.07 -0.54 -18.08
CA VAL A 201 6.65 0.79 -18.01
C VAL A 201 5.63 1.81 -18.47
N ASP A 202 5.31 2.76 -17.60
CA ASP A 202 4.35 3.80 -17.91
C ASP A 202 5.11 4.92 -18.62
N MET A 203 4.86 5.10 -19.91
CA MET A 203 5.54 6.16 -20.66
C MET A 203 4.56 7.26 -21.02
N GLU A 204 3.41 7.23 -20.32
CA GLU A 204 2.29 8.16 -20.48
C GLU A 204 1.41 7.74 -21.65
N ASN A 205 0.11 7.73 -21.43
CA ASN A 205 -0.87 7.31 -22.44
C ASN A 205 -0.60 5.89 -22.88
N ASN A 206 0.08 5.14 -22.03
CA ASN A 206 0.40 3.75 -22.33
C ASN A 206 1.26 3.09 -21.26
N LEU A 207 0.85 1.89 -20.87
CA LEU A 207 1.63 1.08 -19.95
C LEU A 207 2.18 0.06 -20.94
N PHE A 208 3.50 -0.06 -21.04
CA PHE A 208 4.09 -1.00 -21.99
C PHE A 208 4.64 -2.26 -21.37
N SER A 209 4.23 -3.40 -21.93
CA SER A 209 4.68 -4.71 -21.48
C SER A 209 5.68 -5.23 -22.51
N GLY A 210 5.88 -4.45 -23.55
CA GLY A 210 6.79 -4.81 -24.62
C GLY A 210 6.81 -3.73 -25.69
N ALA A 211 7.36 -4.06 -26.86
CA ALA A 211 7.46 -3.09 -27.95
C ALA A 211 6.13 -2.63 -28.52
N ASP A 212 5.14 -3.51 -28.57
CA ASP A 212 3.84 -3.13 -29.12
C ASP A 212 2.87 -2.60 -28.08
N GLU A 213 1.95 -1.76 -28.53
CA GLU A 213 0.93 -1.23 -27.63
C GLU A 213 0.00 -2.40 -27.36
N GLY A 214 -0.50 -2.50 -26.15
CA GLY A 214 -1.39 -3.60 -25.82
C GLY A 214 -0.68 -4.85 -25.32
N TYR A 215 -1.14 -6.00 -25.78
CA TYR A 215 -0.58 -7.29 -25.37
C TYR A 215 0.84 -7.60 -25.86
N ASN A 216 1.64 -8.17 -24.96
CA ASN A 216 3.01 -8.59 -25.26
C ASN A 216 3.27 -9.85 -24.43
N SER A 217 3.31 -10.99 -25.12
CA SER A 217 3.52 -12.29 -24.48
C SER A 217 4.82 -12.42 -23.70
N GLY A 218 5.82 -11.62 -24.04
CA GLY A 218 7.10 -11.69 -23.37
C GLY A 218 7.13 -11.24 -21.92
N ASP A 219 6.10 -10.52 -21.49
CA ASP A 219 6.02 -10.02 -20.12
C ASP A 219 5.12 -10.97 -19.30
N PRO A 220 5.73 -11.80 -18.45
CA PRO A 220 4.97 -12.76 -17.63
C PRO A 220 4.32 -12.19 -16.38
N SER A 221 3.36 -12.93 -15.85
CA SER A 221 2.69 -12.54 -14.62
C SER A 221 3.77 -12.76 -13.57
N ILE A 222 3.84 -11.87 -12.59
CA ILE A 222 4.82 -12.03 -11.53
C ILE A 222 4.06 -11.70 -10.25
N SER A 223 3.85 -12.72 -9.43
CA SER A 223 3.08 -12.54 -8.20
C SER A 223 3.77 -12.87 -6.88
N TYR A 224 5.09 -12.83 -6.86
CA TYR A 224 5.83 -13.11 -5.64
C TYR A 224 5.42 -12.13 -4.54
N ARG A 225 5.41 -12.61 -3.30
CA ARG A 225 5.05 -11.76 -2.18
C ARG A 225 5.95 -10.53 -2.13
N PHE A 226 7.20 -10.70 -2.56
CA PHE A 226 8.15 -9.60 -2.62
C PHE A 226 8.74 -9.63 -4.03
N VAL A 227 8.45 -8.57 -4.79
CA VAL A 227 8.92 -8.48 -6.17
C VAL A 227 9.92 -7.36 -6.37
N THR A 228 10.97 -7.65 -7.13
CA THR A 228 11.95 -6.63 -7.46
C THR A 228 11.63 -6.26 -8.90
N ALA A 229 11.27 -5.00 -9.11
CA ALA A 229 10.95 -4.52 -10.45
C ALA A 229 12.04 -3.55 -10.83
N ALA A 230 12.77 -3.84 -11.90
CA ALA A 230 13.86 -2.98 -12.35
C ALA A 230 13.57 -2.53 -13.78
N VAL A 231 13.53 -1.23 -13.97
CA VAL A 231 13.23 -0.64 -15.27
C VAL A 231 14.26 0.42 -15.60
N LYS A 232 14.59 0.54 -16.88
CA LYS A 232 15.55 1.55 -17.30
C LYS A 232 15.21 2.04 -18.70
N GLY A 233 15.62 3.26 -19.00
CA GLY A 233 15.32 3.83 -20.29
C GLY A 233 16.39 4.80 -20.75
N GLY A 234 16.72 4.74 -22.04
CA GLY A 234 17.72 5.62 -22.61
C GLY A 234 17.32 5.97 -24.03
N ALA A 235 18.27 6.51 -24.79
CA ALA A 235 18.01 6.90 -26.18
C ALA A 235 17.56 5.70 -27.02
N ASP A 236 16.27 5.67 -27.32
CA ASP A 236 15.65 4.60 -28.10
C ASP A 236 15.94 3.21 -27.56
N LYS A 237 15.90 3.09 -26.24
CA LYS A 237 16.14 1.80 -25.60
C LYS A 237 15.53 1.80 -24.22
N TRP A 238 15.03 0.65 -23.79
CA TRP A 238 14.46 0.53 -22.46
C TRP A 238 14.37 -0.94 -22.13
N ALA A 239 14.12 -1.25 -20.86
CA ALA A 239 14.02 -2.63 -20.44
C ALA A 239 13.21 -2.83 -19.18
N ILE A 240 12.69 -4.04 -19.04
CA ILE A 240 11.92 -4.46 -17.89
C ILE A 240 12.61 -5.73 -17.41
N ARG A 241 12.98 -5.75 -16.13
CA ARG A 241 13.60 -6.93 -15.55
C ARG A 241 12.91 -7.16 -14.22
N GLY A 242 12.59 -8.43 -13.93
CA GLY A 242 11.91 -8.71 -12.69
C GLY A 242 12.46 -9.92 -11.96
N ALA A 243 12.19 -9.99 -10.67
CA ALA A 243 12.67 -11.12 -9.89
C ALA A 243 11.92 -11.25 -8.57
N ASN A 244 12.14 -12.38 -7.93
CA ASN A 244 11.58 -12.64 -6.62
C ASN A 244 12.58 -11.90 -5.74
N ALA A 245 12.13 -10.88 -5.03
CA ALA A 245 13.02 -10.09 -4.17
C ALA A 245 13.61 -10.92 -3.04
N ALA A 246 13.02 -12.09 -2.77
CA ALA A 246 13.50 -12.95 -1.70
C ALA A 246 14.48 -14.01 -2.17
N SER A 247 14.63 -14.18 -3.47
CA SER A 247 15.54 -15.21 -3.97
C SER A 247 15.83 -15.19 -5.46
N GLY A 248 17.07 -15.45 -5.80
CA GLY A 248 17.42 -15.55 -7.21
C GLY A 248 17.78 -14.32 -7.99
N SER A 249 17.78 -14.51 -9.30
CA SER A 249 18.17 -13.49 -10.25
C SER A 249 17.04 -12.76 -10.94
N LEU A 250 17.41 -11.67 -11.61
CA LEU A 250 16.47 -10.87 -12.39
C LEU A 250 16.39 -11.52 -13.76
N SER A 251 15.19 -11.55 -14.32
CA SER A 251 14.98 -12.10 -15.65
C SER A 251 14.57 -10.92 -16.52
N THR A 252 15.05 -10.89 -17.76
CA THR A 252 14.72 -9.78 -18.65
C THR A 252 13.43 -10.09 -19.41
N TYR A 253 12.41 -9.27 -19.16
CA TYR A 253 11.12 -9.45 -19.82
C TYR A 253 11.05 -8.64 -21.10
N TYR A 254 11.84 -7.59 -21.18
CA TYR A 254 11.92 -6.78 -22.39
C TYR A 254 13.22 -6.00 -22.41
N SER A 255 13.80 -5.88 -23.59
CA SER A 255 15.02 -5.13 -23.80
C SER A 255 15.07 -4.83 -25.29
N GLY A 256 14.98 -3.55 -25.64
CA GLY A 256 15.00 -3.18 -27.04
C GLY A 256 14.63 -1.73 -27.27
N ALA A 257 14.30 -1.40 -28.51
CA ALA A 257 13.96 -0.03 -28.87
C ALA A 257 12.63 0.44 -28.28
N ARG A 258 12.40 1.74 -28.33
CA ARG A 258 11.18 2.33 -27.82
C ARG A 258 10.02 1.85 -28.69
N PRO A 259 8.80 1.85 -28.13
CA PRO A 259 7.64 1.41 -28.90
C PRO A 259 7.58 2.35 -30.11
N ASP A 260 7.34 1.80 -31.30
CA ASP A 260 7.32 2.62 -32.50
C ASP A 260 6.01 3.37 -32.72
N TYR A 261 5.76 4.34 -31.85
CA TYR A 261 4.56 5.18 -31.92
C TYR A 261 5.03 6.61 -31.66
N SER A 262 4.32 7.59 -32.20
CA SER A 262 4.69 8.98 -32.02
C SER A 262 4.81 9.42 -30.56
N GLY A 263 5.90 10.12 -30.25
CA GLY A 263 6.09 10.62 -28.89
C GLY A 263 6.97 9.83 -27.94
N TYR A 264 7.33 8.60 -28.30
CA TYR A 264 8.14 7.79 -27.42
C TYR A 264 9.64 7.80 -27.74
N ASN A 265 10.00 8.40 -28.87
CA ASN A 265 11.41 8.50 -29.23
C ASN A 265 11.63 9.73 -30.09
N PRO A 266 12.34 10.73 -29.56
CA PRO A 266 12.91 10.75 -28.21
C PRO A 266 11.84 10.96 -27.14
N MET A 267 12.19 10.65 -25.89
CA MET A 267 11.26 10.84 -24.78
C MET A 267 11.28 12.31 -24.36
N SER A 268 10.29 12.70 -23.57
CA SER A 268 10.18 14.08 -23.08
C SER A 268 9.94 14.07 -21.56
N LYS A 269 10.82 13.37 -20.85
CA LYS A 269 10.71 13.26 -19.39
C LYS A 269 10.77 14.63 -18.71
N GLU A 270 10.00 14.79 -17.64
CA GLU A 270 9.96 16.06 -16.93
C GLU A 270 10.69 16.03 -15.58
N GLY A 271 10.97 14.85 -15.07
CA GLY A 271 11.72 14.74 -13.84
C GLY A 271 11.01 14.65 -12.50
N ALA A 272 9.69 14.73 -12.48
CA ALA A 272 8.99 14.64 -11.20
C ALA A 272 9.04 13.18 -10.78
N ILE A 273 8.80 12.93 -9.49
CA ILE A 273 8.79 11.56 -8.98
C ILE A 273 7.43 11.25 -8.39
N ILE A 274 6.85 10.13 -8.79
CA ILE A 274 5.54 9.72 -8.28
C ILE A 274 5.61 8.34 -7.63
N LEU A 275 4.71 8.09 -6.69
CA LEU A 275 4.64 6.79 -6.02
C LEU A 275 3.18 6.44 -5.72
N GLY A 276 2.70 5.36 -6.32
CA GLY A 276 1.35 4.88 -6.10
C GLY A 276 0.25 5.46 -6.97
N ILE A 277 0.60 6.41 -7.82
CA ILE A 277 -0.37 7.08 -8.69
C ILE A 277 0.15 7.24 -10.10
N GLY A 278 -0.70 7.77 -10.98
CA GLY A 278 -0.29 8.00 -12.35
C GLY A 278 0.21 9.42 -12.49
N GLY A 279 0.82 9.73 -13.64
CA GLY A 279 1.36 11.06 -13.87
C GLY A 279 0.33 12.16 -13.72
N ASP A 280 -0.89 11.90 -14.19
CA ASP A 280 -1.98 12.87 -14.10
C ASP A 280 -2.75 12.73 -12.78
N ASN A 281 -2.12 12.03 -11.84
CA ASN A 281 -2.67 11.74 -10.51
C ASN A 281 -3.83 10.75 -10.51
N SER A 282 -3.91 9.88 -11.51
CA SER A 282 -4.96 8.86 -11.49
C SER A 282 -4.67 8.15 -10.18
N ASN A 283 -5.67 7.99 -9.33
CA ASN A 283 -5.43 7.36 -8.04
C ASN A 283 -6.37 6.22 -7.67
N GLY A 284 -6.55 5.29 -8.59
CA GLY A 284 -7.42 4.16 -8.31
C GLY A 284 -6.66 2.88 -8.01
N ALA A 285 -5.35 2.91 -8.13
CA ALA A 285 -4.54 1.71 -7.89
C ALA A 285 -4.14 1.46 -6.44
N GLN A 286 -3.67 0.24 -6.18
CA GLN A 286 -3.21 -0.15 -4.85
C GLN A 286 -1.94 -0.98 -5.01
N GLY A 287 -1.11 -0.96 -3.98
CA GLY A 287 0.14 -1.71 -4.00
C GLY A 287 0.94 -1.41 -2.75
N THR A 288 2.07 -2.07 -2.58
CA THR A 288 2.92 -1.83 -1.42
C THR A 288 4.36 -1.56 -1.85
N PHE A 289 4.91 -0.46 -1.33
CA PHE A 289 6.27 -0.02 -1.63
C PHE A 289 7.16 -0.21 -0.41
N TYR A 290 8.28 -0.91 -0.57
CA TYR A 290 9.21 -1.14 0.53
C TYR A 290 10.48 -0.31 0.37
N GLU A 291 11.00 -0.28 -0.85
CA GLU A 291 12.21 0.49 -1.15
C GLU A 291 12.31 0.67 -2.65
N GLY A 292 13.07 1.69 -3.07
CA GLY A 292 13.25 1.93 -4.47
C GLY A 292 14.14 3.14 -4.71
N VAL A 293 14.69 3.24 -5.93
CA VAL A 293 15.56 4.35 -6.26
C VAL A 293 15.41 4.70 -7.73
N MET A 294 15.98 5.86 -8.09
CA MET A 294 16.02 6.34 -9.45
C MET A 294 17.47 6.77 -9.65
N THR A 295 18.03 6.50 -10.81
CA THR A 295 19.42 6.85 -11.07
C THR A 295 19.61 7.76 -12.27
N SER A 296 20.83 8.24 -12.41
CA SER A 296 21.22 9.07 -13.54
C SER A 296 22.05 8.10 -14.38
N GLY A 297 21.68 7.93 -15.65
CA GLY A 297 22.41 7.00 -16.50
C GLY A 297 21.69 5.67 -16.62
N TYR A 298 22.02 4.92 -17.67
CA TYR A 298 21.41 3.61 -17.95
C TYR A 298 22.22 2.49 -17.27
N PRO A 299 21.67 1.91 -16.18
CA PRO A 299 22.38 0.82 -15.47
C PRO A 299 22.66 -0.41 -16.32
N SER A 300 23.85 -0.98 -16.16
CA SER A 300 24.20 -2.18 -16.89
C SER A 300 23.47 -3.32 -16.19
N ASP A 301 23.26 -4.43 -16.90
CA ASP A 301 22.59 -5.58 -16.30
C ASP A 301 23.37 -6.04 -15.08
N ASP A 302 24.69 -6.05 -15.20
CA ASP A 302 25.54 -6.49 -14.09
C ASP A 302 25.32 -5.67 -12.82
N THR A 303 25.20 -4.35 -12.98
CA THR A 303 24.98 -3.50 -11.83
C THR A 303 23.66 -3.87 -11.15
N GLU A 304 22.61 -4.04 -11.96
CA GLU A 304 21.30 -4.41 -11.42
C GLU A 304 21.37 -5.79 -10.76
N ASN A 305 22.15 -6.69 -11.35
CA ASN A 305 22.26 -8.02 -10.78
C ASN A 305 22.86 -7.92 -9.37
N SER A 306 23.83 -7.04 -9.20
CA SER A 306 24.44 -6.87 -7.88
C SER A 306 23.44 -6.26 -6.93
N VAL A 307 22.57 -5.36 -7.43
CA VAL A 307 21.56 -4.76 -6.58
C VAL A 307 20.57 -5.83 -6.12
N GLN A 308 20.17 -6.70 -7.04
CA GLN A 308 19.23 -7.78 -6.72
C GLN A 308 19.86 -8.70 -5.69
N GLU A 309 21.15 -8.97 -5.84
CA GLU A 309 21.86 -9.81 -4.90
C GLU A 309 21.77 -9.20 -3.51
N ASN A 310 21.91 -7.89 -3.44
CA ASN A 310 21.84 -7.16 -2.17
C ASN A 310 20.44 -7.24 -1.57
N ILE A 311 19.42 -7.07 -2.41
CA ILE A 311 18.04 -7.14 -1.95
C ILE A 311 17.75 -8.51 -1.35
N VAL A 312 18.20 -9.56 -2.03
CA VAL A 312 17.98 -10.91 -1.54
C VAL A 312 18.64 -11.05 -0.16
N ALA A 313 19.83 -10.49 -0.03
CA ALA A 313 20.57 -10.56 1.22
C ALA A 313 19.88 -9.80 2.36
N ALA A 314 19.04 -8.84 2.01
CA ALA A 314 18.32 -8.07 3.02
C ALA A 314 17.29 -8.96 3.70
N LYS A 315 16.97 -10.06 3.03
CA LYS A 315 16.02 -11.07 3.51
C LYS A 315 14.65 -10.58 3.96
N TYR A 316 13.86 -10.13 2.99
CA TYR A 316 12.50 -9.67 3.29
C TYR A 316 11.61 -10.85 3.64
N VAL A 317 10.86 -10.71 4.72
CA VAL A 317 9.93 -11.73 5.17
C VAL A 317 8.68 -11.03 5.69
N VAL A 318 7.52 -11.61 5.44
CA VAL A 318 6.28 -11.00 5.89
C VAL A 318 6.24 -10.93 7.41
N GLY A 319 5.70 -9.84 7.94
CA GLY A 319 5.61 -9.66 9.37
C GLY A 319 4.21 -9.89 9.90
N SER A 320 4.04 -9.75 11.21
CA SER A 320 2.73 -9.96 11.82
C SER A 320 1.79 -8.76 11.62
N LEU A 321 0.59 -9.06 11.18
CA LEU A 321 -0.44 -8.04 10.96
C LEU A 321 -1.41 -7.99 12.13
N VAL A 322 -1.30 -8.96 13.04
CA VAL A 322 -2.23 -9.03 14.16
C VAL A 322 -1.63 -8.85 15.55
N SER A 323 -2.43 -8.23 16.43
CA SER A 323 -2.04 -7.99 17.82
C SER A 323 -3.33 -7.98 18.65
N GLY A 324 -3.19 -8.07 19.96
CA GLY A 324 -4.36 -8.07 20.82
C GLY A 324 -4.96 -9.46 20.99
N PRO A 325 -6.16 -9.56 21.58
CA PRO A 325 -6.86 -10.82 21.82
C PRO A 325 -6.92 -11.77 20.62
N SER A 326 -7.46 -11.26 19.50
CA SER A 326 -7.59 -12.02 18.27
C SER A 326 -8.61 -13.16 18.31
N PHE A 327 -8.67 -13.95 17.24
CA PHE A 327 -9.63 -15.03 17.13
C PHE A 327 -9.06 -16.35 16.61
N THR A 328 -9.94 -17.35 16.57
CA THR A 328 -9.61 -18.67 16.06
C THR A 328 -10.68 -19.00 15.03
N SER A 329 -10.27 -19.47 13.87
CA SER A 329 -11.22 -19.80 12.81
C SER A 329 -12.29 -20.78 13.29
N GLY A 330 -13.55 -20.46 13.03
CA GLY A 330 -14.65 -21.32 13.44
C GLY A 330 -15.34 -20.81 14.68
N GLU A 331 -14.62 -19.98 15.44
CA GLU A 331 -15.15 -19.39 16.67
C GLU A 331 -16.31 -18.46 16.37
N VAL A 332 -17.34 -18.49 17.21
CA VAL A 332 -18.50 -17.63 17.01
C VAL A 332 -18.49 -16.61 18.13
N VAL A 333 -18.63 -15.34 17.78
CA VAL A 333 -18.60 -14.28 18.77
C VAL A 333 -19.65 -13.20 18.59
N SER A 334 -19.73 -12.35 19.61
CA SER A 334 -20.60 -11.19 19.61
C SER A 334 -19.62 -10.08 19.98
N LEU A 335 -19.74 -8.93 19.34
CA LEU A 335 -18.81 -7.83 19.60
C LEU A 335 -19.54 -6.67 20.27
N ARG A 336 -19.09 -6.33 21.47
CA ARG A 336 -19.71 -5.27 22.27
C ARG A 336 -19.01 -3.91 22.22
N VAL A 337 -19.81 -2.86 22.08
CA VAL A 337 -19.33 -1.48 22.04
C VAL A 337 -18.77 -1.11 23.41
N THR A 338 -17.68 -0.35 23.42
CA THR A 338 -17.06 0.05 24.69
C THR A 338 -17.18 1.55 24.94
N THR A 339 -17.72 2.28 23.97
CA THR A 339 -17.88 3.72 24.12
C THR A 339 -18.87 4.05 25.22
N PRO A 340 -18.44 4.81 26.23
CA PRO A 340 -19.32 5.19 27.35
C PRO A 340 -20.68 5.70 26.85
N GLY A 341 -21.75 5.11 27.37
CA GLY A 341 -23.09 5.51 26.98
C GLY A 341 -23.69 4.63 25.90
N TYR A 342 -22.89 3.70 25.39
CA TYR A 342 -23.33 2.79 24.34
C TYR A 342 -22.82 1.38 24.64
N THR A 343 -22.41 1.14 25.87
CA THR A 343 -21.85 -0.15 26.28
C THR A 343 -22.78 -1.35 26.31
N THR A 344 -24.07 -1.16 26.05
CA THR A 344 -24.98 -2.29 26.04
C THR A 344 -25.33 -2.65 24.61
N ARG A 345 -24.66 -2.01 23.66
CA ARG A 345 -24.90 -2.27 22.25
C ARG A 345 -23.88 -3.24 21.68
N TYR A 346 -24.30 -4.01 20.67
CA TYR A 346 -23.45 -4.99 20.02
C TYR A 346 -23.50 -4.80 18.52
N ILE A 347 -22.47 -5.26 17.83
CA ILE A 347 -22.43 -5.15 16.37
C ILE A 347 -23.41 -6.16 15.82
N ALA A 348 -24.39 -5.67 15.07
CA ALA A 348 -25.40 -6.54 14.47
C ALA A 348 -25.66 -6.02 13.07
N HIS A 349 -26.79 -6.39 12.50
CA HIS A 349 -27.12 -5.92 11.17
C HIS A 349 -28.61 -5.97 10.93
N THR A 350 -29.10 -5.01 10.15
CA THR A 350 -30.50 -4.94 9.78
C THR A 350 -30.41 -5.07 8.28
N ASP A 351 -30.72 -6.27 7.78
CA ASP A 351 -30.62 -6.55 6.36
C ASP A 351 -29.14 -6.40 6.00
N THR A 352 -28.81 -5.58 5.01
CA THR A 352 -27.40 -5.43 4.64
C THR A 352 -26.65 -4.37 5.44
N THR A 353 -27.35 -3.63 6.28
CA THR A 353 -26.71 -2.59 7.08
C THR A 353 -26.10 -3.10 8.37
N VAL A 354 -24.79 -2.92 8.53
CA VAL A 354 -24.13 -3.35 9.75
C VAL A 354 -24.25 -2.17 10.72
N ASN A 355 -24.73 -2.45 11.93
CA ASN A 355 -24.94 -1.41 12.92
C ASN A 355 -24.72 -1.93 14.32
N THR A 356 -25.10 -1.12 15.31
CA THR A 356 -25.00 -1.53 16.70
C THR A 356 -26.41 -1.50 17.28
N GLN A 357 -26.72 -2.50 18.08
CA GLN A 357 -28.05 -2.61 18.67
C GLN A 357 -27.97 -3.13 20.08
N VAL A 358 -28.98 -2.78 20.88
CA VAL A 358 -29.02 -3.27 22.24
C VAL A 358 -29.53 -4.71 22.14
N VAL A 359 -28.65 -5.65 22.43
CA VAL A 359 -29.00 -7.06 22.38
C VAL A 359 -28.66 -7.67 23.73
N ASP A 360 -29.56 -8.47 24.27
CA ASP A 360 -29.32 -9.10 25.56
C ASP A 360 -30.00 -10.46 25.61
N ASP A 361 -30.01 -11.09 26.78
CA ASP A 361 -30.63 -12.40 26.90
C ASP A 361 -32.09 -12.44 26.49
N ASP A 362 -32.79 -11.31 26.59
CA ASP A 362 -34.21 -11.25 26.24
C ASP A 362 -34.46 -11.06 24.75
N SER A 363 -33.41 -10.85 23.97
CA SER A 363 -33.56 -10.64 22.53
C SER A 363 -34.14 -11.86 21.82
N SER A 364 -34.80 -11.63 20.70
CA SER A 364 -35.39 -12.72 19.93
C SER A 364 -34.27 -13.61 19.38
N THR A 365 -34.60 -14.84 19.01
CA THR A 365 -33.60 -15.75 18.48
C THR A 365 -33.00 -15.14 17.21
N THR A 366 -33.84 -14.44 16.45
CA THR A 366 -33.41 -13.80 15.21
C THR A 366 -32.40 -12.70 15.47
N LEU A 367 -32.68 -11.81 16.42
CA LEU A 367 -31.77 -10.72 16.73
C LEU A 367 -30.46 -11.26 17.32
N LYS A 368 -30.56 -12.31 18.13
CA LYS A 368 -29.35 -12.89 18.71
C LYS A 368 -28.42 -13.38 17.62
N GLU A 369 -29.01 -13.95 16.56
CA GLU A 369 -28.21 -14.45 15.44
C GLU A 369 -27.63 -13.29 14.63
N GLU A 370 -28.38 -12.20 14.51
CA GLU A 370 -27.90 -11.04 13.76
C GLU A 370 -26.77 -10.34 14.50
N ALA A 371 -26.62 -10.65 15.78
CA ALA A 371 -25.57 -10.06 16.61
C ALA A 371 -24.49 -11.10 16.91
N SER A 372 -24.51 -12.18 16.14
CA SER A 372 -23.52 -13.26 16.31
C SER A 372 -22.74 -13.42 15.02
N TRP A 373 -21.44 -13.63 15.13
CA TRP A 373 -20.59 -13.75 13.96
C TRP A 373 -19.60 -14.90 14.00
N THR A 374 -19.56 -15.66 12.91
CA THR A 374 -18.64 -16.78 12.80
C THR A 374 -17.34 -16.21 12.23
N VAL A 375 -16.27 -16.30 13.01
CA VAL A 375 -14.98 -15.78 12.59
C VAL A 375 -14.22 -16.83 11.78
N VAL A 376 -13.88 -16.49 10.55
CA VAL A 376 -13.17 -17.41 9.67
C VAL A 376 -11.85 -16.82 9.19
N THR A 377 -10.97 -17.69 8.68
CA THR A 377 -9.69 -17.26 8.17
C THR A 377 -9.90 -16.15 7.16
N GLY A 378 -9.12 -15.08 7.28
CA GLY A 378 -9.24 -13.94 6.38
C GLY A 378 -9.33 -14.34 4.92
N LEU A 379 -10.36 -13.86 4.24
CA LEU A 379 -10.57 -14.18 2.83
C LEU A 379 -9.48 -13.66 1.89
N ALA A 380 -8.86 -12.54 2.25
CA ALA A 380 -7.79 -11.97 1.43
C ALA A 380 -6.41 -12.12 2.05
N ASN A 381 -6.35 -12.51 3.32
CA ASN A 381 -5.09 -12.68 4.00
C ASN A 381 -5.26 -13.65 5.16
N SER A 382 -4.53 -14.76 5.10
CA SER A 382 -4.61 -15.82 6.12
C SER A 382 -4.26 -15.43 7.55
N GLN A 383 -3.57 -14.31 7.74
CA GLN A 383 -3.22 -13.85 9.08
C GLN A 383 -4.42 -13.19 9.75
N CYS A 384 -5.21 -12.52 8.94
CA CYS A 384 -6.36 -11.79 9.44
C CYS A 384 -7.64 -12.62 9.43
N PHE A 385 -8.79 -11.96 9.53
CA PHE A 385 -10.05 -12.69 9.59
C PHE A 385 -11.20 -12.04 8.82
N SER A 386 -12.27 -12.80 8.67
CA SER A 386 -13.48 -12.33 8.00
C SER A 386 -14.62 -12.72 8.92
N PHE A 387 -15.70 -11.96 8.89
CA PHE A 387 -16.82 -12.22 9.77
C PHE A 387 -18.09 -12.60 9.03
N GLU A 388 -18.50 -13.85 9.19
CA GLU A 388 -19.69 -14.38 8.53
C GLU A 388 -20.92 -14.29 9.43
N SER A 389 -22.03 -13.85 8.87
CA SER A 389 -23.28 -13.72 9.61
C SER A 389 -23.80 -15.10 10.01
N VAL A 390 -24.36 -15.20 11.21
CA VAL A 390 -24.91 -16.46 11.69
C VAL A 390 -26.31 -16.69 11.13
N ASP A 391 -27.10 -15.63 11.06
CA ASP A 391 -28.45 -15.76 10.51
C ASP A 391 -28.40 -15.86 8.99
N THR A 392 -27.39 -15.27 8.38
CA THR A 392 -27.25 -15.30 6.93
C THR A 392 -25.90 -15.89 6.50
N PRO A 393 -25.76 -17.22 6.61
CA PRO A 393 -24.52 -17.89 6.22
C PRO A 393 -24.16 -17.57 4.77
N GLY A 394 -22.87 -17.44 4.49
CA GLY A 394 -22.44 -17.15 3.14
C GLY A 394 -22.23 -15.67 2.92
N SER A 395 -22.72 -14.85 3.86
CA SER A 395 -22.56 -13.41 3.79
C SER A 395 -21.59 -12.93 4.85
N TYR A 396 -20.78 -11.96 4.51
CA TYR A 396 -19.76 -11.43 5.41
C TYR A 396 -19.82 -9.92 5.52
N ILE A 397 -19.21 -9.40 6.58
CA ILE A 397 -19.14 -7.96 6.77
C ILE A 397 -18.08 -7.49 5.78
N ARG A 398 -18.41 -6.46 5.00
CA ARG A 398 -17.46 -5.93 4.02
C ARG A 398 -17.66 -4.44 3.92
N HIS A 399 -16.62 -3.71 3.59
CA HIS A 399 -16.77 -2.27 3.46
C HIS A 399 -17.02 -1.93 2.00
N TYR A 400 -17.86 -0.93 1.77
CA TYR A 400 -18.22 -0.48 0.43
C TYR A 400 -18.53 1.00 0.60
N ASN A 401 -17.74 1.84 -0.05
CA ASN A 401 -17.90 3.28 0.09
C ASN A 401 -17.70 3.59 1.57
N PHE A 402 -16.86 2.78 2.19
CA PHE A 402 -16.50 2.89 3.60
C PHE A 402 -17.60 2.61 4.61
N GLU A 403 -18.71 2.07 4.14
CA GLU A 403 -19.81 1.71 5.02
C GLU A 403 -19.69 0.20 5.20
N LEU A 404 -19.95 -0.31 6.40
CA LEU A 404 -19.87 -1.76 6.59
C LEU A 404 -21.22 -2.36 6.23
N LEU A 405 -21.19 -3.31 5.29
CA LEU A 405 -22.40 -3.97 4.83
C LEU A 405 -22.28 -5.48 4.97
N LEU A 406 -23.43 -6.15 5.02
CA LEU A 406 -23.44 -7.61 5.10
C LEU A 406 -23.89 -8.07 3.72
N ASN A 407 -22.93 -8.51 2.91
CA ASN A 407 -23.22 -8.97 1.56
C ASN A 407 -22.72 -10.39 1.33
N ALA A 408 -23.31 -11.06 0.34
CA ALA A 408 -22.94 -12.42 0.01
C ALA A 408 -21.56 -12.47 -0.64
N ASN A 409 -20.76 -13.44 -0.26
CA ASN A 409 -19.44 -13.61 -0.83
C ASN A 409 -19.58 -14.11 -2.25
N ASP A 410 -19.06 -13.34 -3.20
CA ASP A 410 -19.13 -13.72 -4.61
C ASP A 410 -17.87 -14.46 -5.07
N GLY A 411 -16.96 -14.69 -4.13
CA GLY A 411 -15.74 -15.40 -4.45
C GLY A 411 -14.69 -14.59 -5.20
N THR A 412 -14.96 -13.30 -5.41
CA THR A 412 -14.02 -12.45 -6.13
C THR A 412 -12.95 -11.87 -5.21
N LYS A 413 -11.81 -11.56 -5.80
CA LYS A 413 -10.69 -10.97 -5.07
C LYS A 413 -11.14 -9.68 -4.39
N GLN A 414 -11.90 -8.87 -5.11
CA GLN A 414 -12.37 -7.60 -4.57
C GLN A 414 -13.20 -7.80 -3.30
N PHE A 415 -14.14 -8.75 -3.33
CA PHE A 415 -14.97 -9.00 -2.15
C PHE A 415 -14.09 -9.44 -1.00
N HIS A 416 -13.18 -10.37 -1.28
CA HIS A 416 -12.28 -10.89 -0.27
C HIS A 416 -11.52 -9.76 0.43
N GLU A 417 -11.03 -8.81 -0.35
CA GLU A 417 -10.27 -7.71 0.21
C GLU A 417 -11.16 -6.77 1.02
N ASP A 418 -12.38 -6.54 0.54
CA ASP A 418 -13.31 -5.65 1.24
C ASP A 418 -13.80 -6.30 2.52
N ALA A 419 -13.66 -7.62 2.61
CA ALA A 419 -14.14 -8.38 3.76
C ALA A 419 -13.08 -8.93 4.71
N THR A 420 -11.85 -8.43 4.60
CA THR A 420 -10.78 -8.92 5.46
C THR A 420 -10.34 -7.86 6.45
N PHE A 421 -10.33 -8.21 7.73
CA PHE A 421 -9.94 -7.28 8.79
C PHE A 421 -8.93 -7.92 9.72
N CYS A 422 -7.97 -7.11 10.17
CA CYS A 422 -6.91 -7.59 11.04
C CYS A 422 -7.04 -7.06 12.46
N PRO A 423 -7.17 -7.98 13.43
CA PRO A 423 -7.30 -7.59 14.84
C PRO A 423 -6.09 -6.83 15.34
N GLN A 424 -6.34 -5.78 16.10
CA GLN A 424 -5.28 -4.96 16.67
C GLN A 424 -5.67 -4.68 18.13
N ALA A 425 -4.70 -4.70 19.03
CA ALA A 425 -5.00 -4.41 20.44
C ALA A 425 -5.83 -3.14 20.48
N ALA A 426 -7.00 -3.21 21.11
CA ALA A 426 -7.90 -2.06 21.17
C ALA A 426 -7.17 -0.76 21.50
N LEU A 427 -7.51 0.29 20.76
CA LEU A 427 -6.87 1.59 20.97
C LEU A 427 -7.14 2.16 22.37
N ASN A 428 -8.28 1.80 22.95
CA ASN A 428 -8.62 2.30 24.29
C ASN A 428 -8.30 1.24 25.34
N GLY A 429 -7.63 0.18 24.91
CA GLY A 429 -7.26 -0.89 25.82
C GLY A 429 -8.37 -1.87 26.15
N GLU A 430 -9.56 -1.65 25.61
CA GLU A 430 -10.69 -2.53 25.87
C GLU A 430 -11.03 -3.45 24.70
N GLY A 431 -10.47 -4.66 24.72
CA GLY A 431 -10.75 -5.61 23.67
C GLY A 431 -9.91 -5.52 22.42
N THR A 432 -10.58 -5.46 21.27
CA THR A 432 -9.89 -5.40 19.99
C THR A 432 -10.39 -4.28 19.08
N SER A 433 -9.54 -3.90 18.13
CA SER A 433 -9.86 -2.89 17.13
C SER A 433 -9.63 -3.63 15.82
N LEU A 434 -10.63 -3.65 14.95
CA LEU A 434 -10.52 -4.37 13.69
C LEU A 434 -10.13 -3.45 12.56
N ARG A 435 -8.87 -3.56 12.13
CA ARG A 435 -8.33 -2.73 11.07
C ARG A 435 -8.57 -3.36 9.70
N SER A 436 -9.01 -2.54 8.75
CA SER A 436 -9.24 -3.03 7.39
C SER A 436 -7.91 -3.44 6.78
N TRP A 437 -7.88 -4.62 6.17
CA TRP A 437 -6.64 -5.07 5.54
C TRP A 437 -6.36 -4.26 4.28
N SER A 438 -7.39 -4.01 3.47
CA SER A 438 -7.20 -3.27 2.23
C SER A 438 -7.04 -1.76 2.39
N TYR A 439 -7.61 -1.20 3.46
CA TYR A 439 -7.50 0.22 3.76
C TYR A 439 -7.06 0.31 5.22
N PRO A 440 -5.78 0.04 5.49
CA PRO A 440 -5.25 0.06 6.87
C PRO A 440 -5.37 1.36 7.66
N THR A 441 -5.80 2.44 7.02
CA THR A 441 -5.98 3.69 7.76
C THR A 441 -7.39 3.68 8.35
N ARG A 442 -8.17 2.64 8.02
CA ARG A 442 -9.55 2.53 8.48
C ARG A 442 -9.85 1.33 9.39
N TYR A 443 -10.79 1.54 10.31
CA TYR A 443 -11.18 0.52 11.30
C TYR A 443 -12.69 0.41 11.46
N PHE A 444 -13.12 -0.71 12.02
CA PHE A 444 -14.54 -0.90 12.33
C PHE A 444 -14.79 0.31 13.23
N ARG A 445 -15.83 1.10 12.94
CA ARG A 445 -16.11 2.28 13.75
C ARG A 445 -17.60 2.56 13.75
N HIS A 446 -18.21 2.64 14.93
CA HIS A 446 -19.63 2.93 14.99
C HIS A 446 -19.81 4.43 15.11
N TYR A 447 -20.74 4.96 14.32
CA TYR A 447 -21.03 6.38 14.28
C TYR A 447 -22.54 6.50 14.12
N GLU A 448 -23.20 7.12 15.09
CA GLU A 448 -24.65 7.25 15.04
C GLU A 448 -25.25 5.85 15.01
N ASN A 449 -24.59 4.94 15.72
CA ASN A 449 -25.01 3.53 15.82
C ASN A 449 -24.96 2.74 14.52
N VAL A 450 -24.17 3.20 13.57
CA VAL A 450 -24.01 2.49 12.29
C VAL A 450 -22.51 2.18 12.15
N LEU A 451 -22.18 1.04 11.55
CA LEU A 451 -20.78 0.67 11.38
C LEU A 451 -20.15 1.12 10.06
N TYR A 452 -18.95 1.67 10.17
CA TYR A 452 -18.20 2.14 9.01
C TYR A 452 -16.76 1.68 9.13
N ALA A 453 -16.03 1.85 8.04
CA ALA A 453 -14.60 1.55 8.00
C ALA A 453 -14.10 2.99 8.02
N ALA A 454 -13.89 3.51 9.23
CA ALA A 454 -13.48 4.91 9.38
C ALA A 454 -12.04 5.15 9.80
N SER A 455 -11.52 6.32 9.43
CA SER A 455 -10.17 6.70 9.78
C SER A 455 -10.23 7.72 10.91
N ASN A 456 -9.13 7.84 11.66
CA ASN A 456 -9.04 8.76 12.77
C ASN A 456 -8.88 10.16 12.16
N GLY A 457 -10.01 10.74 11.77
CA GLY A 457 -10.00 12.04 11.13
C GLY A 457 -10.06 11.76 9.64
N GLY A 458 -10.85 12.51 8.90
CA GLY A 458 -10.97 12.28 7.48
C GLY A 458 -12.03 13.15 6.83
N VAL A 459 -12.27 12.95 5.54
CA VAL A 459 -13.24 13.75 4.82
C VAL A 459 -14.70 13.32 5.02
N GLN A 460 -14.92 12.12 5.56
CA GLN A 460 -16.28 11.65 5.81
C GLN A 460 -16.69 12.04 7.22
N THR A 461 -17.97 12.35 7.41
CA THR A 461 -18.45 12.74 8.72
C THR A 461 -18.14 11.64 9.74
N PHE A 462 -18.28 10.39 9.33
CA PHE A 462 -18.01 9.28 10.25
C PHE A 462 -16.53 9.05 10.54
N ASP A 463 -15.66 9.90 9.99
CA ASP A 463 -14.22 9.80 10.25
C ASP A 463 -13.87 10.74 11.41
N SER A 464 -14.91 11.29 12.04
CA SER A 464 -14.70 12.22 13.15
C SER A 464 -13.72 11.70 14.19
N LYS A 465 -12.78 12.54 14.58
CA LYS A 465 -11.81 12.17 15.59
C LYS A 465 -12.46 12.08 16.96
N THR A 466 -13.61 12.74 17.10
CA THR A 466 -14.33 12.74 18.36
C THR A 466 -14.72 11.32 18.75
N SER A 467 -14.18 10.86 19.88
CA SER A 467 -14.44 9.52 20.40
C SER A 467 -13.98 8.39 19.48
N PHE A 468 -13.05 8.69 18.59
CA PHE A 468 -12.55 7.67 17.66
C PHE A 468 -12.02 6.43 18.36
N ASN A 469 -11.03 6.62 19.24
CA ASN A 469 -10.43 5.51 19.96
C ASN A 469 -11.46 4.60 20.62
N ASN A 470 -12.44 5.20 21.27
CA ASN A 470 -13.47 4.40 21.92
C ASN A 470 -14.38 3.73 20.89
N ASP A 471 -14.72 4.48 19.84
CA ASP A 471 -15.61 3.97 18.80
C ASP A 471 -15.04 2.85 17.92
N VAL A 472 -13.75 2.58 18.04
CA VAL A 472 -13.12 1.52 17.25
C VAL A 472 -12.62 0.38 18.13
N SER A 473 -13.05 0.39 19.40
CA SER A 473 -12.65 -0.64 20.35
C SER A 473 -13.87 -1.45 20.75
N PHE A 474 -13.78 -2.77 20.59
CA PHE A 474 -14.89 -3.66 20.91
C PHE A 474 -14.45 -4.84 21.76
N GLU A 475 -15.28 -5.22 22.73
CA GLU A 475 -14.98 -6.36 23.58
C GLU A 475 -15.49 -7.62 22.91
N ILE A 476 -14.66 -8.66 22.88
CA ILE A 476 -15.03 -9.93 22.27
C ILE A 476 -15.74 -10.76 23.33
N GLU A 477 -16.99 -11.13 23.07
CA GLU A 477 -17.74 -11.91 24.04
C GLU A 477 -18.36 -13.15 23.41
N THR A 478 -18.91 -14.01 24.27
CA THR A 478 -19.55 -15.23 23.80
C THR A 478 -20.69 -14.81 22.88
N ALA A 479 -20.91 -15.58 21.82
CA ALA A 479 -21.98 -15.27 20.87
C ALA A 479 -23.36 -15.47 21.49
N PHE A 480 -24.28 -14.58 21.18
CA PHE A 480 -25.64 -14.68 21.70
C PHE A 480 -26.29 -15.94 21.14
N ALA A 481 -25.96 -16.28 19.89
CA ALA A 481 -26.52 -17.46 19.25
C ALA A 481 -25.85 -18.72 19.80
N SER A 482 -25.16 -18.58 20.92
CA SER A 482 -24.48 -19.70 21.58
C SER A 482 -23.21 -20.11 20.83
C1 NAG B . -7.38 -8.31 -12.85
C2 NAG B . -8.61 -8.45 -13.83
C3 NAG B . -9.90 -8.61 -13.09
C4 NAG B . -9.76 -9.87 -12.17
C5 NAG B . -8.56 -9.73 -11.18
C6 NAG B . -8.29 -10.97 -10.31
C7 NAG B . -8.52 -7.22 -16.01
C8 NAG B . -8.70 -5.84 -16.64
N2 NAG B . -8.73 -7.27 -14.70
O3 NAG B . -10.99 -8.74 -14.01
O4 NAG B . -10.98 -9.98 -11.49
O5 NAG B . -7.35 -9.47 -11.95
O6 NAG B . -8.00 -12.16 -11.05
O7 NAG B . -8.19 -8.20 -16.68
C1 NAG B . -12.12 -10.90 -11.63
C2 NAG B . -12.85 -11.93 -10.83
C3 NAG B . -14.00 -12.57 -11.66
C4 NAG B . -14.91 -11.54 -12.36
C5 NAG B . -13.97 -10.41 -13.04
C6 NAG B . -14.57 -9.15 -13.64
C7 NAG B . -11.28 -12.87 -9.20
C8 NAG B . -10.31 -14.03 -8.99
N2 NAG B . -11.89 -12.93 -10.39
O3 NAG B . -14.89 -13.36 -10.85
O4 NAG B . -15.65 -12.40 -13.31
O5 NAG B . -12.98 -9.92 -12.11
O6 NAG B . -15.20 -8.55 -12.54
O7 NAG B . -11.49 -11.97 -8.38
#